data_3V5J
#
_entry.id   3V5J
#
_cell.length_a   146.132
_cell.length_b   69.513
_cell.length_c   68.244
_cell.angle_alpha   90.000
_cell.angle_beta   107.330
_cell.angle_gamma   90.000
#
_symmetry.space_group_name_H-M   'C 1 2 1'
#
loop_
_entity.id
_entity.type
_entity.pdbx_description
1 polymer 'Tyrosine-protein kinase ITK/TSK'
2 non-polymer 3-[4-(2-morpholin-4-ylethoxy)-2-(1~{H}-thieno[3,2-c]pyrazol-3-yl)-1~{H}-indol-6-yl]pentan-3-ol
3 non-polymer 'SULFATE ION'
4 water water
#
_entity_poly.entity_id   1
_entity_poly.type   'polypeptide(L)'
_entity_poly.pdbx_seq_one_letter_code
;GSVIDPSELTFVQEIGSGQFGLVHLGYWLNKDKVAIKTIREGAMSEEDFIEEAEVMMKLSHPKLVQLYGVCLEQAPICLV
FEFMEHGCLSDYLRTQRGLFAAETLLGMCLDVCEGMAYLEEACVIHRDLAARNCLVGENQVIKVSDFGMTRFVLDDQYTS
STGTKFPVKWASPEVFSFSRYSSKSDVWSFGVLMWEVFSEGKIPYENRSNSEVVEDISTGFRLYKPRLASTHVYQIMNHC
WKERPEDRPAFSRLLRQLAEIAESGL
;
_entity_poly.pdbx_strand_id   A,B
#
loop_
_chem_comp.id
_chem_comp.type
_chem_comp.name
_chem_comp.formula
0F2 non-polymer 3-[4-(2-morpholin-4-ylethoxy)-2-(1~{H}-thieno[3,2-c]pyrazol-3-yl)-1~{H}-indol-6-yl]pentan-3-ol 'C24 H30 N4 O3 S'
SO4 non-polymer 'SULFATE ION' 'O4 S -2'
#
# COMPACT_ATOMS: atom_id res chain seq x y z
N GLY A 1 16.24 0.84 3.83
CA GLY A 1 16.96 1.84 3.06
C GLY A 1 16.05 2.90 2.46
N SER A 2 15.78 2.78 1.14
CA SER A 2 14.95 3.68 0.33
C SER A 2 15.34 5.16 0.44
N VAL A 3 16.61 5.47 0.11
CA VAL A 3 17.14 6.83 0.18
C VAL A 3 16.81 7.65 -1.09
N ILE A 4 16.24 8.86 -0.89
CA ILE A 4 15.85 9.79 -1.95
C ILE A 4 16.72 11.04 -1.87
N ASP A 5 17.28 11.46 -3.02
CA ASP A 5 18.12 12.67 -3.16
C ASP A 5 17.19 13.90 -3.06
N PRO A 6 17.58 15.00 -2.35
CA PRO A 6 16.70 16.17 -2.25
C PRO A 6 16.31 16.85 -3.56
N SER A 7 17.11 16.66 -4.63
CA SER A 7 16.85 17.21 -5.97
C SER A 7 15.64 16.56 -6.63
N GLU A 8 15.34 15.29 -6.27
CA GLU A 8 14.23 14.50 -6.79
C GLU A 8 12.87 15.01 -6.27
N LEU A 9 12.87 15.73 -5.14
CA LEU A 9 11.67 16.28 -4.51
C LEU A 9 11.39 17.72 -4.90
N THR A 10 10.10 18.04 -5.12
CA THR A 10 9.61 19.37 -5.47
C THR A 10 8.57 19.76 -4.41
N PHE A 11 8.80 20.91 -3.73
CA PHE A 11 7.88 21.41 -2.69
C PHE A 11 6.87 22.37 -3.31
N VAL A 12 5.58 22.04 -3.19
CA VAL A 12 4.48 22.83 -3.77
C VAL A 12 3.77 23.71 -2.74
N GLN A 13 3.20 23.12 -1.67
CA GLN A 13 2.46 23.86 -0.65
C GLN A 13 2.54 23.25 0.74
N GLU A 14 2.67 24.11 1.76
CA GLU A 14 2.68 23.70 3.17
C GLU A 14 1.23 23.39 3.56
N ILE A 15 0.98 22.15 3.99
CA ILE A 15 -0.37 21.68 4.35
C ILE A 15 -0.58 21.46 5.86
N GLY A 16 0.49 21.12 6.57
CA GLY A 16 0.46 20.88 8.01
C GLY A 16 1.58 21.57 8.78
N SER A 17 1.35 21.80 10.08
CA SER A 17 2.30 22.46 11.00
C SER A 17 2.22 21.88 12.42
N GLY A 18 3.16 22.29 13.27
CA GLY A 18 3.24 21.87 14.66
C GLY A 18 4.19 20.70 14.88
N GLN A 19 3.70 19.64 15.57
CA GLN A 19 4.38 18.38 15.90
C GLN A 19 5.88 18.48 16.18
N GLY A 21 6.72 17.29 12.38
CA GLY A 21 6.94 18.73 12.29
C GLY A 21 6.04 19.41 11.29
N LEU A 22 6.53 19.57 10.05
CA LEU A 22 5.79 20.21 8.95
C LEU A 22 5.42 19.21 7.87
N VAL A 23 4.19 19.32 7.35
CA VAL A 23 3.68 18.46 6.27
C VAL A 23 3.52 19.32 5.02
N HIS A 24 4.14 18.88 3.90
CA HIS A 24 4.13 19.59 2.62
C HIS A 24 3.58 18.71 1.50
N LEU A 25 2.81 19.33 0.59
CA LEU A 25 2.30 18.68 -0.62
C LEU A 25 3.39 18.90 -1.67
N GLY A 26 3.78 17.81 -2.34
CA GLY A 26 4.82 17.89 -3.35
C GLY A 26 4.81 16.79 -4.39
N TYR A 27 5.88 16.75 -5.20
CA TYR A 27 6.08 15.78 -6.27
C TYR A 27 7.44 15.09 -6.17
N TRP A 28 7.46 13.77 -6.40
CA TRP A 28 8.70 12.99 -6.42
C TRP A 28 8.98 12.59 -7.87
N LEU A 29 10.15 13.01 -8.40
CA LEU A 29 10.61 12.81 -9.78
C LEU A 29 9.69 13.51 -10.80
N ASN A 30 8.98 14.58 -10.35
CA ASN A 30 8.01 15.39 -11.11
C ASN A 30 6.92 14.50 -11.75
N LYS A 31 6.47 13.49 -10.99
CA LYS A 31 5.49 12.51 -11.46
C LYS A 31 4.42 12.13 -10.42
N ASP A 32 4.82 11.76 -9.19
CA ASP A 32 3.89 11.32 -8.15
C ASP A 32 3.59 12.37 -7.10
N LYS A 33 2.30 12.51 -6.74
CA LYS A 33 1.85 13.41 -5.68
C LYS A 33 2.25 12.78 -4.35
N VAL A 34 3.11 13.48 -3.59
CA VAL A 34 3.65 12.99 -2.32
C VAL A 34 3.41 13.92 -1.14
N ALA A 35 3.37 13.36 0.08
CA ALA A 35 3.24 14.11 1.32
C ALA A 35 4.60 14.07 2.01
N ILE A 36 5.28 15.22 2.05
CA ILE A 36 6.62 15.36 2.63
C ILE A 36 6.52 15.78 4.10
N LYS A 37 6.94 14.91 5.02
CA LYS A 37 6.92 15.18 6.46
C LYS A 37 8.33 15.57 6.94
N THR A 38 8.56 16.88 7.08
CA THR A 38 9.84 17.46 7.51
C THR A 38 9.91 17.54 9.03
N ILE A 39 11.06 17.12 9.61
CA ILE A 39 11.30 17.14 11.06
C ILE A 39 11.49 18.57 11.60
N ARG A 40 11.05 18.81 12.85
CA ARG A 40 11.22 20.08 13.54
C ARG A 40 12.56 20.04 14.30
N GLU A 41 13.23 21.20 14.41
CA GLU A 41 14.53 21.39 15.07
C GLU A 41 14.74 20.66 16.42
N GLY A 42 13.73 20.72 17.29
CA GLY A 42 13.75 20.09 18.61
C GLY A 42 12.48 19.33 18.92
N SER A 45 13.93 13.69 17.46
CA SER A 45 15.24 13.11 17.20
C SER A 45 15.33 12.56 15.78
N GLU A 46 16.43 12.89 15.07
CA GLU A 46 16.72 12.48 13.68
C GLU A 46 16.80 10.95 13.49
N GLU A 47 17.46 10.25 14.43
CA GLU A 47 17.65 8.79 14.41
C GLU A 47 16.33 8.01 14.57
N ASP A 48 15.48 8.43 15.54
CA ASP A 48 14.19 7.81 15.82
C ASP A 48 13.16 8.08 14.70
N PHE A 49 13.29 9.23 14.02
CA PHE A 49 12.46 9.68 12.90
C PHE A 49 12.66 8.75 11.70
N ILE A 50 13.94 8.40 11.40
CA ILE A 50 14.32 7.49 10.31
C ILE A 50 13.97 6.05 10.65
N GLU A 51 14.06 5.67 11.95
CA GLU A 51 13.73 4.35 12.47
C GLU A 51 12.23 4.06 12.34
N GLU A 52 11.39 5.08 12.59
CA GLU A 52 9.93 5.02 12.50
C GLU A 52 9.46 4.67 11.08
N ALA A 53 10.13 5.24 10.05
CA ALA A 53 9.82 5.00 8.65
C ALA A 53 10.23 3.60 8.19
N GLU A 54 11.36 3.08 8.70
CA GLU A 54 11.89 1.76 8.37
C GLU A 54 10.96 0.63 8.82
N VAL A 55 10.29 0.83 9.98
CA VAL A 55 9.30 -0.10 10.56
C VAL A 55 8.04 -0.09 9.68
N MET A 56 7.55 1.12 9.32
CA MET A 56 6.37 1.34 8.49
C MET A 56 6.53 0.78 7.07
N MET A 57 7.77 0.79 6.53
CA MET A 57 8.08 0.26 5.20
C MET A 57 8.11 -1.27 5.15
N LYS A 58 8.15 -1.94 6.33
CA LYS A 58 8.16 -3.40 6.46
C LYS A 58 6.76 -3.97 6.77
N LEU A 59 5.77 -3.08 7.00
CA LEU A 59 4.39 -3.47 7.31
C LEU A 59 3.45 -3.09 6.16
N SER A 60 2.92 -4.10 5.45
CA SER A 60 2.03 -3.91 4.30
C SER A 60 0.60 -4.38 4.55
N HIS A 61 -0.34 -3.42 4.53
CA HIS A 61 -1.78 -3.64 4.70
C HIS A 61 -2.54 -2.53 3.98
N PRO A 62 -3.65 -2.86 3.24
CA PRO A 62 -4.38 -1.80 2.51
C PRO A 62 -4.93 -0.64 3.36
N LYS A 63 -4.95 -0.82 4.70
CA LYS A 63 -5.44 0.19 5.65
C LYS A 63 -4.33 0.87 6.47
N LEU A 64 -3.09 0.83 5.95
CA LEU A 64 -1.91 1.45 6.55
C LEU A 64 -1.21 2.29 5.49
N VAL A 65 -0.79 3.52 5.86
CA VAL A 65 -0.11 4.44 4.96
C VAL A 65 1.24 3.88 4.47
N GLN A 66 1.56 4.12 3.20
CA GLN A 66 2.78 3.64 2.55
C GLN A 66 3.76 4.77 2.26
N LEU A 67 5.06 4.47 2.30
CA LEU A 67 6.13 5.42 2.05
C LEU A 67 6.87 5.11 0.75
N TYR A 68 7.22 6.16 0.00
CA TYR A 68 8.00 6.03 -1.23
C TYR A 68 9.48 5.89 -0.89
N GLY A 69 9.90 6.59 0.17
CA GLY A 69 11.27 6.58 0.67
C GLY A 69 11.57 7.65 1.70
N VAL A 70 12.87 7.86 1.96
CA VAL A 70 13.37 8.84 2.95
C VAL A 70 14.45 9.76 2.39
N CYS A 71 14.42 11.05 2.78
CA CYS A 71 15.41 12.03 2.37
C CYS A 71 16.30 12.31 3.59
N LEU A 72 17.56 11.84 3.54
CA LEU A 72 18.52 11.90 4.64
C LEU A 72 19.76 12.78 4.41
N GLU A 73 20.02 13.17 3.15
CA GLU A 73 21.18 13.98 2.73
C GLU A 73 21.30 15.34 3.45
N GLN A 74 20.34 16.24 3.24
CA GLN A 74 20.35 17.59 3.83
C GLN A 74 19.41 17.72 5.03
N ALA A 75 19.85 18.50 6.04
CA ALA A 75 19.09 18.78 7.25
C ALA A 75 18.24 20.06 7.08
N PRO A 76 16.96 20.10 7.53
CA PRO A 76 16.21 19.05 8.25
C PRO A 76 15.75 17.89 7.36
N ILE A 77 15.91 16.66 7.87
CA ILE A 77 15.54 15.42 7.16
C ILE A 77 14.03 15.26 7.02
N CYS A 78 13.58 14.52 5.99
CA CYS A 78 12.15 14.32 5.73
C CYS A 78 11.78 12.94 5.19
N LEU A 79 10.54 12.50 5.49
CA LEU A 79 9.98 11.22 5.04
C LEU A 79 9.02 11.47 3.87
N VAL A 80 9.13 10.65 2.81
CA VAL A 80 8.30 10.77 1.61
C VAL A 80 7.15 9.75 1.67
N PHE A 81 5.94 10.24 1.96
CA PHE A 81 4.72 9.43 2.08
C PHE A 81 3.85 9.53 0.82
N GLU A 82 2.89 8.60 0.67
CA GLU A 82 1.91 8.65 -0.42
C GLU A 82 0.89 9.74 -0.07
N PHE A 83 0.47 10.54 -1.04
CA PHE A 83 -0.47 11.63 -0.75
C PHE A 83 -1.91 11.15 -0.58
N MET A 84 -2.51 11.50 0.56
CA MET A 84 -3.90 11.18 0.90
C MET A 84 -4.72 12.43 0.61
N GLU A 85 -5.58 12.35 -0.41
CA GLU A 85 -6.42 13.44 -0.94
C GLU A 85 -7.26 14.24 0.05
N HIS A 86 -7.87 13.58 1.04
CA HIS A 86 -8.76 14.24 1.99
C HIS A 86 -8.23 14.59 3.40
N GLY A 87 -6.92 14.53 3.57
CA GLY A 87 -6.23 14.88 4.82
C GLY A 87 -6.52 13.97 5.99
N CYS A 88 -6.27 14.49 7.21
CA CYS A 88 -6.50 13.71 8.44
C CYS A 88 -7.98 13.57 8.79
N LEU A 89 -8.35 12.41 9.36
CA LEU A 89 -9.71 12.04 9.74
C LEU A 89 -10.39 13.05 10.67
N SER A 90 -9.66 13.59 11.67
CA SER A 90 -10.15 14.58 12.63
C SER A 90 -10.69 15.85 11.95
N ASP A 91 -9.96 16.36 10.93
CA ASP A 91 -10.34 17.56 10.16
C ASP A 91 -11.46 17.27 9.15
N TYR A 92 -11.41 16.09 8.50
CA TYR A 92 -12.39 15.65 7.50
C TYR A 92 -13.80 15.48 8.08
N LEU A 93 -13.89 14.99 9.33
CA LEU A 93 -15.16 14.78 10.04
C LEU A 93 -15.83 16.10 10.41
N ARG A 94 -15.04 17.10 10.86
CA ARG A 94 -15.52 18.42 11.27
C ARG A 94 -15.99 19.27 10.07
N THR A 95 -15.26 19.20 8.93
CA THR A 95 -15.58 19.95 7.71
C THR A 95 -16.82 19.41 7.00
N GLN A 96 -17.00 18.08 7.03
CA GLN A 96 -18.14 17.40 6.40
C GLN A 96 -19.21 16.97 7.42
N ARG A 97 -19.27 17.68 8.57
CA ARG A 97 -20.22 17.45 9.67
C ARG A 97 -21.66 17.68 9.23
N GLY A 98 -22.55 16.75 9.60
CA GLY A 98 -23.97 16.79 9.26
C GLY A 98 -24.31 16.16 7.93
N LEU A 99 -23.29 15.74 7.16
CA LEU A 99 -23.44 15.11 5.85
C LEU A 99 -23.22 13.59 5.90
N PHE A 100 -22.62 13.09 7.01
CA PHE A 100 -22.33 11.68 7.20
C PHE A 100 -23.53 10.86 7.66
N ALA A 101 -23.58 9.60 7.20
CA ALA A 101 -24.58 8.60 7.58
C ALA A 101 -23.91 7.64 8.57
N ALA A 102 -24.70 7.01 9.46
CA ALA A 102 -24.20 6.06 10.47
C ALA A 102 -23.42 4.88 9.87
N GLU A 103 -23.82 4.43 8.66
CA GLU A 103 -23.21 3.34 7.91
C GLU A 103 -21.79 3.72 7.46
N THR A 104 -21.60 5.01 7.06
CA THR A 104 -20.32 5.57 6.60
C THR A 104 -19.35 5.69 7.77
N LEU A 105 -19.84 6.14 8.95
CA LEU A 105 -19.05 6.32 10.17
C LEU A 105 -18.54 4.99 10.71
N LEU A 106 -19.36 3.92 10.64
CA LEU A 106 -18.99 2.58 11.07
C LEU A 106 -17.93 1.98 10.12
N GLY A 107 -18.05 2.31 8.83
CA GLY A 107 -17.11 1.89 7.79
C GLY A 107 -15.73 2.46 8.00
N MET A 108 -15.66 3.70 8.55
CA MET A 108 -14.42 4.39 8.90
C MET A 108 -13.74 3.68 10.06
N CYS A 109 -14.55 3.26 11.06
CA CYS A 109 -14.11 2.52 12.25
C CYS A 109 -13.61 1.12 11.89
N LEU A 110 -14.26 0.49 10.89
CA LEU A 110 -13.88 -0.84 10.38
C LEU A 110 -12.54 -0.79 9.64
N ASP A 111 -12.27 0.33 8.93
CA ASP A 111 -11.02 0.56 8.21
C ASP A 111 -9.84 0.67 9.17
N VAL A 112 -10.00 1.43 10.27
CA VAL A 112 -8.99 1.62 11.32
C VAL A 112 -8.74 0.27 12.02
N CYS A 113 -9.83 -0.48 12.33
CA CYS A 113 -9.78 -1.79 12.98
C CYS A 113 -9.06 -2.85 12.15
N GLU A 114 -9.14 -2.76 10.80
CA GLU A 114 -8.48 -3.67 9.85
C GLU A 114 -6.96 -3.52 9.94
N GLY A 115 -6.48 -2.27 9.94
CA GLY A 115 -5.07 -1.94 10.04
C GLY A 115 -4.49 -2.25 11.41
N MET A 116 -5.30 -2.00 12.47
CA MET A 116 -4.93 -2.27 13.85
C MET A 116 -4.87 -3.75 14.19
N ALA A 117 -5.65 -4.59 13.48
CA ALA A 117 -5.67 -6.06 13.66
C ALA A 117 -4.37 -6.66 13.09
N TYR A 118 -3.87 -6.07 11.98
CA TYR A 118 -2.62 -6.46 11.31
C TYR A 118 -1.43 -6.13 12.20
N LEU A 119 -1.44 -4.93 12.83
CA LEU A 119 -0.38 -4.46 13.73
C LEU A 119 -0.35 -5.27 15.03
N GLU A 120 -1.54 -5.72 15.50
CA GLU A 120 -1.72 -6.54 16.70
C GLU A 120 -1.07 -7.91 16.49
N GLU A 121 -1.26 -8.51 15.29
CA GLU A 121 -0.71 -9.80 14.89
C GLU A 121 0.80 -9.73 14.68
N ALA A 122 1.30 -8.57 14.19
CA ALA A 122 2.71 -8.32 13.93
C ALA A 122 3.46 -7.81 15.18
N CYS A 123 2.75 -7.74 16.33
CA CYS A 123 3.23 -7.27 17.64
C CYS A 123 3.77 -5.84 17.64
N VAL A 124 3.15 -4.97 16.82
CA VAL A 124 3.48 -3.55 16.67
C VAL A 124 2.45 -2.74 17.46
N ILE A 125 2.92 -1.92 18.42
CA ILE A 125 2.06 -1.11 19.28
C ILE A 125 2.05 0.37 18.84
N HIS A 126 0.86 0.88 18.48
CA HIS A 126 0.64 2.26 18.08
C HIS A 126 0.39 3.05 19.38
N ARG A 127 1.42 3.74 19.88
CA ARG A 127 1.37 4.48 21.15
C ARG A 127 0.54 5.77 21.14
N ASP A 128 0.08 6.24 19.96
CA ASP A 128 -0.71 7.47 19.83
C ASP A 128 -1.84 7.34 18.79
N LEU A 129 -2.72 6.34 18.97
CA LEU A 129 -3.85 6.10 18.06
C LEU A 129 -4.99 7.10 18.30
N ALA A 130 -5.23 7.97 17.30
CA ALA A 130 -6.25 9.01 17.33
C ALA A 130 -6.69 9.36 15.90
N ALA A 131 -7.83 10.10 15.76
CA ALA A 131 -8.38 10.53 14.47
C ALA A 131 -7.41 11.47 13.73
N ARG A 132 -6.58 12.23 14.46
CA ARG A 132 -5.55 13.12 13.92
C ARG A 132 -4.40 12.32 13.26
N ASN A 133 -4.21 11.06 13.69
CA ASN A 133 -3.17 10.15 13.18
C ASN A 133 -3.72 9.15 12.14
N CYS A 134 -4.94 9.40 11.65
CA CYS A 134 -5.62 8.62 10.61
C CYS A 134 -5.85 9.52 9.40
N LEU A 135 -5.70 8.98 8.18
CA LEU A 135 -5.86 9.75 6.95
C LEU A 135 -6.98 9.25 6.04
N VAL A 136 -7.60 10.18 5.29
CA VAL A 136 -8.70 9.90 4.36
C VAL A 136 -8.18 10.01 2.93
N GLY A 137 -8.41 8.97 2.13
CA GLY A 137 -8.00 8.91 0.73
C GLY A 137 -9.15 8.92 -0.23
N GLU A 138 -8.98 8.22 -1.38
CA GLU A 138 -9.99 8.10 -2.43
C GLU A 138 -11.13 7.18 -1.98
N ASN A 139 -12.38 7.61 -2.23
CA ASN A 139 -13.63 6.90 -1.88
C ASN A 139 -13.82 6.69 -0.36
N GLN A 140 -13.42 7.71 0.44
CA GLN A 140 -13.51 7.76 1.91
C GLN A 140 -12.79 6.62 2.67
N VAL A 141 -11.71 6.08 2.07
CA VAL A 141 -10.91 5.00 2.67
C VAL A 141 -10.01 5.59 3.76
N ILE A 142 -10.02 4.98 4.96
CA ILE A 142 -9.22 5.43 6.10
C ILE A 142 -7.98 4.56 6.29
N LYS A 143 -6.80 5.22 6.39
CA LYS A 143 -5.52 4.56 6.60
C LYS A 143 -4.86 5.10 7.87
N VAL A 144 -4.34 4.18 8.71
CA VAL A 144 -3.66 4.51 9.97
C VAL A 144 -2.23 4.98 9.65
N SER A 145 -1.82 6.12 10.23
CA SER A 145 -0.49 6.71 10.05
C SER A 145 0.28 6.79 11.37
N ASP A 146 1.63 6.92 11.27
CA ASP A 146 2.59 7.01 12.39
C ASP A 146 2.50 5.81 13.36
N PHE A 147 2.79 4.61 12.83
CA PHE A 147 2.76 3.35 13.57
C PHE A 147 4.14 2.75 13.88
N GLY A 148 5.20 3.37 13.33
CA GLY A 148 6.57 2.93 13.53
C GLY A 148 7.18 3.48 14.81
N PRO A 167 -1.45 13.94 25.50
CA PRO A 167 -2.37 12.99 24.86
C PRO A 167 -3.00 11.99 25.83
N VAL A 168 -3.31 12.46 27.06
CA VAL A 168 -3.91 11.66 28.13
C VAL A 168 -5.37 11.26 27.84
N LYS A 169 -6.06 12.02 26.96
CA LYS A 169 -7.46 11.78 26.55
C LYS A 169 -7.64 10.44 25.81
N TRP A 170 -6.60 10.01 25.06
CA TRP A 170 -6.59 8.75 24.30
C TRP A 170 -5.87 7.63 25.07
N ALA A 171 -5.18 7.98 26.18
CA ALA A 171 -4.42 7.07 27.03
C ALA A 171 -5.27 6.24 27.98
N SER A 172 -4.90 4.97 28.17
CA SER A 172 -5.57 4.01 29.06
C SER A 172 -5.00 4.13 30.51
N PRO A 173 -5.72 3.64 31.57
CA PRO A 173 -5.18 3.77 32.94
C PRO A 173 -3.76 3.28 33.19
N GLU A 174 -3.32 2.24 32.44
CA GLU A 174 -1.98 1.66 32.53
C GLU A 174 -0.94 2.62 31.94
N VAL A 175 -1.33 3.39 30.91
CA VAL A 175 -0.48 4.35 30.22
C VAL A 175 -0.24 5.65 31.02
N PHE A 176 -1.33 6.34 31.43
CA PHE A 176 -1.19 7.59 32.18
C PHE A 176 -0.71 7.48 33.63
N SER A 177 -0.61 6.25 34.18
CA SER A 177 -0.17 6.03 35.56
C SER A 177 1.09 5.19 35.70
N PHE A 178 1.25 4.14 34.86
CA PHE A 178 2.40 3.23 34.92
C PHE A 178 3.20 3.09 33.61
N SER A 179 2.72 3.74 32.51
CA SER A 179 3.31 3.72 31.16
C SER A 179 3.45 2.30 30.56
N ARG A 180 2.45 1.44 30.82
CA ARG A 180 2.41 0.06 30.32
C ARG A 180 1.72 0.02 28.95
N TYR A 181 2.52 -0.12 27.88
CA TYR A 181 2.02 -0.16 26.51
C TYR A 181 1.86 -1.59 26.01
N SER A 182 0.71 -1.86 25.37
CA SER A 182 0.33 -3.15 24.79
C SER A 182 -0.71 -2.94 23.69
N SER A 183 -1.15 -4.02 23.01
CA SER A 183 -2.17 -3.96 21.97
C SER A 183 -3.54 -3.62 22.58
N LYS A 184 -3.75 -3.98 23.86
CA LYS A 184 -4.98 -3.71 24.60
C LYS A 184 -5.09 -2.23 25.02
N SER A 185 -3.96 -1.51 25.10
CA SER A 185 -3.94 -0.08 25.42
C SER A 185 -4.35 0.73 24.18
N ASP A 186 -4.07 0.17 22.98
CA ASP A 186 -4.43 0.73 21.67
C ASP A 186 -5.93 0.57 21.44
N VAL A 187 -6.53 -0.49 22.04
CA VAL A 187 -7.95 -0.81 22.00
C VAL A 187 -8.72 0.33 22.68
N TRP A 188 -8.20 0.82 23.82
CA TRP A 188 -8.75 1.95 24.57
C TRP A 188 -8.71 3.21 23.68
N SER A 189 -7.55 3.45 23.02
CA SER A 189 -7.34 4.56 22.10
C SER A 189 -8.29 4.49 20.91
N PHE A 190 -8.60 3.25 20.44
CA PHE A 190 -9.53 2.98 19.36
C PHE A 190 -10.97 3.30 19.79
N GLY A 191 -11.26 3.10 21.08
CA GLY A 191 -12.55 3.41 21.69
C GLY A 191 -12.83 4.90 21.66
N VAL A 192 -11.78 5.71 21.95
CA VAL A 192 -11.81 7.17 21.94
C VAL A 192 -11.86 7.64 20.46
N LEU A 193 -11.17 6.90 19.56
CA LEU A 193 -11.15 7.15 18.11
C LEU A 193 -12.56 6.95 17.55
N MET A 194 -13.27 5.90 18.01
CA MET A 194 -14.65 5.57 17.63
C MET A 194 -15.59 6.70 18.03
N TRP A 195 -15.35 7.32 19.21
CA TRP A 195 -16.13 8.43 19.74
C TRP A 195 -15.95 9.66 18.84
N GLU A 196 -14.71 9.94 18.42
CA GLU A 196 -14.35 11.06 17.53
C GLU A 196 -15.07 10.97 16.18
N VAL A 197 -15.21 9.74 15.65
CA VAL A 197 -15.86 9.45 14.37
C VAL A 197 -17.37 9.71 14.44
N PHE A 198 -18.07 9.03 15.36
CA PHE A 198 -19.53 9.16 15.54
C PHE A 198 -20.02 10.53 16.01
N SER A 199 -19.16 11.31 16.69
CA SER A 199 -19.48 12.67 17.15
C SER A 199 -19.12 13.70 16.07
N GLU A 200 -18.54 13.22 14.94
CA GLU A 200 -18.13 13.99 13.76
C GLU A 200 -17.01 15.01 14.03
N GLY A 201 -15.89 14.51 14.53
CA GLY A 201 -14.68 15.29 14.80
C GLY A 201 -14.68 16.13 16.06
N LYS A 202 -15.39 15.69 17.11
CA LYS A 202 -15.44 16.41 18.39
C LYS A 202 -14.23 16.09 19.25
N ILE A 203 -13.75 17.09 20.03
CA ILE A 203 -12.61 16.96 20.93
C ILE A 203 -13.02 16.21 22.21
N PRO A 204 -12.37 15.09 22.56
CA PRO A 204 -12.75 14.36 23.79
C PRO A 204 -12.22 15.04 25.05
N TYR A 205 -13.07 15.10 26.11
CA TYR A 205 -12.80 15.71 27.42
C TYR A 205 -12.33 17.17 27.29
N GLU A 206 -13.25 18.07 26.88
CA GLU A 206 -12.98 19.49 26.69
C GLU A 206 -13.52 20.33 27.84
N ARG A 208 -10.96 20.97 29.81
CA ARG A 208 -10.59 19.93 30.78
C ARG A 208 -9.14 19.50 30.57
N SER A 209 -8.29 19.79 31.57
CA SER A 209 -6.85 19.47 31.56
C SER A 209 -6.58 17.97 31.70
N ASN A 210 -5.34 17.55 31.36
CA ASN A 210 -4.88 16.16 31.44
C ASN A 210 -4.94 15.58 32.85
N SER A 211 -4.59 16.40 33.87
CA SER A 211 -4.63 16.02 35.29
C SER A 211 -6.07 15.84 35.79
N GLU A 212 -7.01 16.64 35.25
CA GLU A 212 -8.43 16.59 35.59
C GLU A 212 -9.12 15.38 34.96
N VAL A 213 -8.67 14.97 33.76
CA VAL A 213 -9.20 13.83 33.00
C VAL A 213 -8.91 12.48 33.67
N VAL A 214 -7.78 12.38 34.41
CA VAL A 214 -7.34 11.19 35.14
C VAL A 214 -8.37 10.79 36.21
N GLU A 215 -8.83 11.76 37.02
CA GLU A 215 -9.82 11.56 38.08
C GLU A 215 -11.19 11.10 37.58
N ASP A 216 -11.60 11.59 36.39
CA ASP A 216 -12.88 11.24 35.76
C ASP A 216 -12.91 9.79 35.27
N ILE A 217 -11.79 9.33 34.67
CA ILE A 217 -11.61 7.97 34.15
C ILE A 217 -11.53 6.96 35.30
N SER A 218 -10.72 7.27 36.33
CA SER A 218 -10.50 6.44 37.52
C SER A 218 -11.75 6.23 38.38
N THR A 219 -12.70 7.20 38.34
CA THR A 219 -13.96 7.14 39.08
C THR A 219 -14.90 6.09 38.47
N GLY A 220 -14.95 6.03 37.14
CA GLY A 220 -15.77 5.08 36.39
C GLY A 220 -17.19 5.57 36.17
N ARG A 222 -16.14 8.42 31.83
CA ARG A 222 -16.20 7.99 30.43
C ARG A 222 -16.84 9.07 29.53
N LEU A 223 -16.72 8.90 28.20
CA LEU A 223 -17.31 9.83 27.22
C LEU A 223 -18.77 9.47 26.97
N TYR A 224 -19.62 10.50 26.78
CA TYR A 224 -21.05 10.36 26.52
C TYR A 224 -21.35 9.68 25.17
N LYS A 225 -22.56 9.09 25.04
CA LYS A 225 -22.98 8.43 23.80
C LYS A 225 -23.30 9.48 22.71
N PRO A 226 -22.57 9.46 21.57
CA PRO A 226 -22.89 10.43 20.50
C PRO A 226 -24.22 10.11 19.83
N ARG A 227 -24.90 11.16 19.30
CA ARG A 227 -26.20 11.09 18.64
C ARG A 227 -26.24 10.06 17.49
N LEU A 228 -25.22 10.07 16.62
CA LEU A 228 -25.12 9.17 15.46
C LEU A 228 -24.82 7.71 15.84
N ALA A 229 -24.19 7.48 17.01
CA ALA A 229 -23.86 6.14 17.50
C ALA A 229 -25.03 5.45 18.17
N SER A 230 -25.29 4.19 17.78
CA SER A 230 -26.37 3.37 18.33
C SER A 230 -25.95 2.73 19.67
N THR A 231 -26.89 2.03 20.33
CA THR A 231 -26.67 1.33 21.60
C THR A 231 -25.60 0.24 21.44
N HIS A 232 -25.65 -0.52 20.32
CA HIS A 232 -24.70 -1.59 19.99
C HIS A 232 -23.30 -1.05 19.70
N VAL A 233 -23.21 0.12 19.04
CA VAL A 233 -21.95 0.80 18.70
C VAL A 233 -21.28 1.31 20.00
N TYR A 234 -22.07 1.96 20.88
CA TYR A 234 -21.59 2.49 22.16
C TYR A 234 -21.22 1.37 23.14
N GLN A 235 -21.83 0.17 22.99
CA GLN A 235 -21.54 -1.02 23.81
C GLN A 235 -20.10 -1.47 23.55
N ILE A 236 -19.67 -1.47 22.26
CA ILE A 236 -18.31 -1.83 21.83
C ILE A 236 -17.30 -0.80 22.36
N MET A 237 -17.67 0.49 22.37
CA MET A 237 -16.86 1.59 22.89
C MET A 237 -16.53 1.39 24.38
N ASN A 238 -17.52 0.93 25.17
CA ASN A 238 -17.36 0.65 26.61
C ASN A 238 -16.54 -0.60 26.86
N HIS A 239 -16.57 -1.57 25.91
CA HIS A 239 -15.79 -2.81 25.95
C HIS A 239 -14.31 -2.45 25.76
N CYS A 240 -14.04 -1.39 24.96
CA CYS A 240 -12.71 -0.85 24.72
C CYS A 240 -12.28 -0.04 25.94
N TRP A 241 -13.26 0.55 26.66
CA TRP A 241 -13.05 1.38 27.84
C TRP A 241 -13.10 0.64 29.19
N LYS A 242 -12.80 -0.67 29.19
CA LYS A 242 -12.76 -1.49 30.41
C LYS A 242 -11.50 -1.14 31.22
N GLU A 243 -11.61 -1.14 32.56
CA GLU A 243 -10.52 -0.81 33.48
C GLU A 243 -9.31 -1.75 33.34
N ARG A 244 -9.58 -3.06 33.21
CA ARG A 244 -8.55 -4.09 33.05
C ARG A 244 -8.21 -4.30 31.56
N PRO A 245 -6.92 -4.45 31.20
CA PRO A 245 -6.58 -4.69 29.77
C PRO A 245 -7.08 -6.03 29.24
N GLU A 246 -7.08 -7.07 30.09
CA GLU A 246 -7.54 -8.42 29.76
C GLU A 246 -9.06 -8.51 29.48
N ASP A 247 -9.84 -7.59 30.07
CA ASP A 247 -11.29 -7.51 29.89
C ASP A 247 -11.66 -6.92 28.52
N ARG A 248 -10.78 -6.07 27.96
CA ARG A 248 -10.94 -5.42 26.66
C ARG A 248 -10.79 -6.46 25.53
N PRO A 249 -11.61 -6.39 24.45
CA PRO A 249 -11.45 -7.37 23.36
C PRO A 249 -10.28 -7.03 22.44
N ALA A 250 -9.68 -8.05 21.81
CA ALA A 250 -8.57 -7.89 20.88
C ALA A 250 -9.11 -7.31 19.56
N PHE A 251 -8.24 -6.61 18.79
CA PHE A 251 -8.61 -6.00 17.50
C PHE A 251 -9.17 -7.00 16.49
N SER A 252 -8.71 -8.27 16.55
CA SER A 252 -9.19 -9.37 15.71
C SER A 252 -10.65 -9.69 16.05
N ARG A 253 -11.00 -9.67 17.36
CA ARG A 253 -12.36 -9.91 17.84
C ARG A 253 -13.27 -8.71 17.57
N LEU A 254 -12.72 -7.48 17.74
CA LEU A 254 -13.41 -6.21 17.51
C LEU A 254 -13.86 -6.03 16.05
N LEU A 255 -13.02 -6.50 15.11
CA LEU A 255 -13.27 -6.42 13.66
C LEU A 255 -14.55 -7.17 13.25
N ARG A 256 -14.71 -8.42 13.72
CA ARG A 256 -15.87 -9.25 13.44
C ARG A 256 -17.11 -8.76 14.21
N GLN A 257 -16.88 -8.14 15.40
CA GLN A 257 -17.93 -7.56 16.24
C GLN A 257 -18.54 -6.32 15.57
N LEU A 258 -17.69 -5.46 14.98
CA LEU A 258 -18.11 -4.25 14.27
C LEU A 258 -18.77 -4.59 12.92
N ALA A 259 -18.36 -5.72 12.31
CA ALA A 259 -18.89 -6.21 11.04
C ALA A 259 -20.31 -6.73 11.20
N GLU A 260 -20.61 -7.36 12.37
CA GLU A 260 -21.93 -7.91 12.71
C GLU A 260 -22.99 -6.81 12.86
N ILE A 261 -22.59 -5.61 13.35
CA ILE A 261 -23.47 -4.45 13.51
C ILE A 261 -23.85 -3.88 12.14
N ALA A 262 -22.88 -3.86 11.20
CA ALA A 262 -23.06 -3.38 9.83
C ALA A 262 -24.09 -4.21 9.06
N GLU A 263 -24.09 -5.55 9.29
CA GLU A 263 -25.02 -6.48 8.65
C GLU A 263 -26.43 -6.37 9.25
N SER A 264 -26.52 -6.17 10.58
CA SER A 264 -27.79 -6.03 11.30
C SER A 264 -28.17 -4.56 11.48
N GLY B 1 1.22 -14.38 9.08
CA GLY B 1 -0.08 -14.84 9.55
C GLY B 1 -1.24 -14.32 8.70
N SER B 2 -2.07 -13.45 9.29
CA SER B 2 -3.26 -12.81 8.70
C SER B 2 -4.27 -13.83 8.14
N VAL B 3 -4.80 -14.69 9.02
CA VAL B 3 -5.77 -15.71 8.66
C VAL B 3 -7.22 -15.18 8.59
N ILE B 4 -7.94 -15.56 7.52
CA ILE B 4 -9.33 -15.16 7.25
C ILE B 4 -10.21 -16.42 7.14
N ASP B 5 -11.33 -16.43 7.88
CA ASP B 5 -12.32 -17.51 7.88
C ASP B 5 -13.09 -17.51 6.54
N PRO B 6 -13.43 -18.69 5.94
CA PRO B 6 -14.15 -18.67 4.65
C PRO B 6 -15.52 -18.00 4.65
N SER B 7 -16.19 -17.92 5.83
CA SER B 7 -17.49 -17.29 5.99
C SER B 7 -17.43 -15.76 5.82
N GLU B 8 -16.24 -15.18 6.06
CA GLU B 8 -15.98 -13.74 5.93
C GLU B 8 -15.88 -13.29 4.46
N LEU B 9 -15.60 -14.24 3.55
CA LEU B 9 -15.47 -13.97 2.11
C LEU B 9 -16.76 -14.27 1.35
N THR B 10 -17.14 -13.34 0.46
CA THR B 10 -18.32 -13.45 -0.40
C THR B 10 -17.84 -13.42 -1.85
N PHE B 11 -18.22 -14.45 -2.65
CA PHE B 11 -17.83 -14.56 -4.05
C PHE B 11 -18.90 -13.95 -4.95
N VAL B 12 -18.51 -12.97 -5.78
CA VAL B 12 -19.44 -12.24 -6.66
C VAL B 12 -19.34 -12.69 -8.14
N GLN B 13 -18.14 -12.57 -8.75
CA GLN B 13 -17.94 -12.91 -10.16
C GLN B 13 -16.53 -13.42 -10.48
N GLU B 14 -16.44 -14.46 -11.33
CA GLU B 14 -15.18 -15.03 -11.80
C GLU B 14 -14.64 -14.07 -12.87
N ILE B 15 -13.46 -13.48 -12.60
CA ILE B 15 -12.81 -12.51 -13.49
C ILE B 15 -11.56 -13.04 -14.20
N GLY B 16 -10.91 -14.03 -13.59
CA GLY B 16 -9.70 -14.64 -14.12
C GLY B 16 -9.70 -16.15 -14.13
N SER B 17 -8.95 -16.75 -15.08
CA SER B 17 -8.80 -18.20 -15.25
C SER B 17 -7.41 -18.57 -15.75
N GLY B 18 -6.99 -19.80 -15.46
CA GLY B 18 -5.69 -20.33 -15.87
C GLY B 18 -4.79 -20.66 -14.70
N GLY B 21 -4.23 -19.61 -10.27
CA GLY B 21 -5.34 -20.44 -10.74
C GLY B 21 -6.53 -19.64 -11.22
N LEU B 22 -7.50 -19.41 -10.32
CA LEU B 22 -8.72 -18.64 -10.61
C LEU B 22 -8.77 -17.34 -9.81
N VAL B 23 -9.12 -16.23 -10.48
CA VAL B 23 -9.25 -14.91 -9.86
C VAL B 23 -10.75 -14.55 -9.81
N HIS B 24 -11.23 -14.21 -8.60
CA HIS B 24 -12.63 -13.85 -8.36
C HIS B 24 -12.78 -12.48 -7.73
N LEU B 25 -13.81 -11.73 -8.14
CA LEU B 25 -14.16 -10.44 -7.56
C LEU B 25 -15.10 -10.76 -6.40
N GLY B 26 -14.81 -10.21 -5.22
CA GLY B 26 -15.63 -10.46 -4.05
C GLY B 26 -15.59 -9.39 -2.97
N TYR B 27 -16.17 -9.72 -1.81
CA TYR B 27 -16.24 -8.83 -0.65
C TYR B 27 -15.77 -9.53 0.62
N TRP B 28 -14.93 -8.83 1.42
CA TRP B 28 -14.45 -9.33 2.70
C TRP B 28 -15.19 -8.59 3.81
N LEU B 29 -15.88 -9.34 4.69
CA LEU B 29 -16.72 -8.86 5.81
C LEU B 29 -17.89 -8.00 5.31
N ASN B 30 -18.35 -8.26 4.05
CA ASN B 30 -19.42 -7.55 3.34
C ASN B 30 -19.20 -6.03 3.32
N LYS B 31 -17.95 -5.62 3.08
CA LYS B 31 -17.54 -4.22 3.08
C LYS B 31 -16.57 -3.86 1.95
N ASP B 32 -15.32 -4.38 2.03
CA ASP B 32 -14.24 -4.08 1.07
C ASP B 32 -14.26 -4.95 -0.16
N LYS B 33 -14.00 -4.34 -1.33
CA LYS B 33 -13.90 -5.04 -2.61
C LYS B 33 -12.55 -5.76 -2.63
N VAL B 34 -12.59 -7.10 -2.77
CA VAL B 34 -11.39 -7.93 -2.75
C VAL B 34 -11.23 -8.82 -3.99
N ALA B 35 -9.98 -9.10 -4.37
CA ALA B 35 -9.65 -9.98 -5.48
C ALA B 35 -9.16 -11.30 -4.88
N ILE B 36 -10.03 -12.32 -4.91
CA ILE B 36 -9.74 -13.64 -4.35
C ILE B 36 -9.05 -14.53 -5.40
N LYS B 37 -7.80 -14.93 -5.10
CA LYS B 37 -7.00 -15.77 -5.98
C LYS B 37 -6.94 -17.20 -5.44
N THR B 38 -7.75 -18.11 -6.03
CA THR B 38 -7.84 -19.52 -5.64
C THR B 38 -6.77 -20.37 -6.33
N ILE B 39 -6.14 -21.28 -5.55
CA ILE B 39 -5.09 -22.18 -6.05
C ILE B 39 -5.70 -23.31 -6.89
N MET B 44 1.07 -26.43 -8.62
CA MET B 44 1.57 -25.59 -7.54
C MET B 44 1.20 -26.16 -6.17
N SER B 45 2.17 -26.14 -5.23
CA SER B 45 2.01 -26.64 -3.87
C SER B 45 1.30 -25.64 -2.96
N GLU B 46 0.55 -26.15 -1.95
CA GLU B 46 -0.20 -25.34 -0.98
C GLU B 46 0.71 -24.58 -0.02
N GLU B 47 1.88 -25.16 0.33
CA GLU B 47 2.87 -24.56 1.23
C GLU B 47 3.56 -23.35 0.58
N ASP B 48 3.92 -23.46 -0.71
CA ASP B 48 4.57 -22.39 -1.49
C ASP B 48 3.60 -21.25 -1.79
N PHE B 49 2.30 -21.57 -1.99
CA PHE B 49 1.21 -20.63 -2.26
C PHE B 49 0.94 -19.75 -1.04
N ILE B 50 1.10 -20.31 0.17
CA ILE B 50 0.90 -19.62 1.45
C ILE B 50 2.13 -18.80 1.84
N GLU B 51 3.34 -19.31 1.51
CA GLU B 51 4.63 -18.66 1.80
C GLU B 51 4.84 -17.41 0.94
N GLU B 52 4.41 -17.45 -0.34
CA GLU B 52 4.52 -16.34 -1.30
C GLU B 52 3.79 -15.08 -0.83
N ALA B 53 2.60 -15.26 -0.21
CA ALA B 53 1.79 -14.16 0.33
C ALA B 53 2.40 -13.56 1.60
N GLU B 54 3.07 -14.41 2.42
CA GLU B 54 3.75 -14.00 3.66
C GLU B 54 4.91 -13.05 3.38
N VAL B 55 5.59 -13.23 2.23
CA VAL B 55 6.71 -12.40 1.76
C VAL B 55 6.15 -11.04 1.29
N MET B 56 5.04 -11.08 0.51
CA MET B 56 4.35 -9.90 -0.04
C MET B 56 3.76 -8.99 1.04
N MET B 57 3.35 -9.57 2.18
CA MET B 57 2.79 -8.85 3.33
C MET B 57 3.87 -8.10 4.13
N LYS B 58 5.15 -8.46 3.93
CA LYS B 58 6.31 -7.84 4.58
C LYS B 58 6.95 -6.74 3.71
N LEU B 59 6.52 -6.63 2.43
CA LEU B 59 7.03 -5.65 1.48
C LEU B 59 5.98 -4.55 1.23
N SER B 60 6.24 -3.33 1.73
CA SER B 60 5.33 -2.19 1.59
C SER B 60 5.88 -1.07 0.70
N HIS B 61 5.20 -0.84 -0.44
CA HIS B 61 5.54 0.20 -1.41
C HIS B 61 4.26 0.59 -2.17
N PRO B 62 4.01 1.91 -2.42
CA PRO B 62 2.78 2.31 -3.14
C PRO B 62 2.58 1.70 -4.54
N LYS B 63 3.65 1.16 -5.15
CA LYS B 63 3.61 0.56 -6.49
C LYS B 63 3.69 -0.98 -6.49
N LEU B 64 3.28 -1.60 -5.36
CA LEU B 64 3.23 -3.05 -5.17
C LEU B 64 1.87 -3.43 -4.61
N VAL B 65 1.30 -4.55 -5.08
CA VAL B 65 -0.01 -5.03 -4.64
C VAL B 65 -0.02 -5.41 -3.14
N GLN B 66 -1.11 -5.07 -2.44
CA GLN B 66 -1.29 -5.30 -1.01
C GLN B 66 -2.31 -6.40 -0.75
N LEU B 67 -2.10 -7.17 0.33
CA LEU B 67 -2.97 -8.25 0.76
C LEU B 67 -3.70 -7.94 2.05
N TYR B 68 -4.98 -8.32 2.12
CA TYR B 68 -5.81 -8.17 3.31
C TYR B 68 -5.51 -9.33 4.26
N GLY B 69 -5.22 -10.50 3.68
CA GLY B 69 -4.88 -11.72 4.40
C GLY B 69 -4.91 -12.98 3.56
N VAL B 70 -4.95 -14.15 4.24
CA VAL B 70 -4.96 -15.48 3.62
C VAL B 70 -6.11 -16.35 4.16
N CYS B 71 -6.61 -17.28 3.33
CA CYS B 71 -7.68 -18.21 3.69
C CYS B 71 -7.12 -19.63 3.56
N LEU B 72 -6.87 -20.28 4.72
CA LEU B 72 -6.29 -21.64 4.78
C LEU B 72 -7.15 -22.69 5.49
N GLU B 73 -8.37 -22.32 5.92
CA GLU B 73 -9.29 -23.22 6.62
C GLU B 73 -9.91 -24.30 5.72
N GLN B 74 -10.40 -23.91 4.53
CA GLN B 74 -11.03 -24.83 3.57
C GLN B 74 -10.29 -24.93 2.24
N ALA B 75 -10.21 -26.16 1.69
CA ALA B 75 -9.55 -26.44 0.41
C ALA B 75 -10.56 -26.31 -0.76
N PRO B 76 -10.20 -25.71 -1.92
CA PRO B 76 -8.90 -25.11 -2.28
C PRO B 76 -8.61 -23.78 -1.58
N ILE B 77 -7.36 -23.61 -1.10
CA ILE B 77 -6.89 -22.41 -0.39
C ILE B 77 -6.78 -21.18 -1.31
N CYS B 78 -7.02 -19.98 -0.76
CA CYS B 78 -6.99 -18.73 -1.52
C CYS B 78 -6.37 -17.55 -0.78
N LEU B 79 -5.84 -16.57 -1.55
CA LEU B 79 -5.23 -15.35 -1.02
C LEU B 79 -6.18 -14.17 -1.22
N VAL B 80 -6.31 -13.31 -0.20
CA VAL B 80 -7.18 -12.14 -0.23
C VAL B 80 -6.37 -10.87 -0.57
N PHE B 81 -6.49 -10.40 -1.81
CA PHE B 81 -5.80 -9.21 -2.33
C PHE B 81 -6.74 -8.00 -2.38
N GLU B 82 -6.15 -6.79 -2.47
CA GLU B 82 -6.90 -5.54 -2.65
C GLU B 82 -7.40 -5.52 -4.09
N PHE B 83 -8.62 -5.00 -4.33
CA PHE B 83 -9.15 -4.99 -5.69
C PHE B 83 -8.63 -3.83 -6.53
N MET B 84 -8.12 -4.15 -7.72
CA MET B 84 -7.60 -3.20 -8.69
C MET B 84 -8.66 -3.00 -9.77
N GLU B 85 -9.28 -1.81 -9.78
CA GLU B 85 -10.39 -1.39 -10.65
C GLU B 85 -10.26 -1.65 -12.15
N HIS B 86 -9.04 -1.53 -12.72
CA HIS B 86 -8.85 -1.68 -14.16
C HIS B 86 -8.12 -2.95 -14.67
N GLY B 87 -7.99 -3.95 -13.79
CA GLY B 87 -7.38 -5.24 -14.11
C GLY B 87 -5.90 -5.21 -14.45
N CYS B 88 -5.43 -6.25 -15.15
CA CYS B 88 -4.03 -6.36 -15.54
C CYS B 88 -3.64 -5.40 -16.67
N LEU B 89 -2.39 -4.91 -16.64
CA LEU B 89 -1.82 -3.95 -17.59
C LEU B 89 -1.90 -4.38 -19.05
N SER B 90 -1.59 -5.67 -19.34
CA SER B 90 -1.63 -6.24 -20.69
C SER B 90 -3.01 -6.12 -21.36
N ASP B 91 -4.09 -6.40 -20.62
CA ASP B 91 -5.46 -6.30 -21.11
C ASP B 91 -5.96 -4.86 -21.20
N TYR B 92 -5.56 -4.01 -20.23
CA TYR B 92 -5.93 -2.59 -20.17
C TYR B 92 -5.39 -1.80 -21.36
N LEU B 93 -4.15 -2.09 -21.79
CA LEU B 93 -3.49 -1.45 -22.93
C LEU B 93 -4.16 -1.81 -24.26
N ARG B 94 -4.60 -3.08 -24.40
CA ARG B 94 -5.27 -3.60 -25.60
C ARG B 94 -6.67 -2.99 -25.80
N THR B 95 -7.45 -2.88 -24.70
CA THR B 95 -8.81 -2.33 -24.73
C THR B 95 -8.84 -0.83 -24.96
N GLN B 96 -7.83 -0.10 -24.44
CA GLN B 96 -7.72 1.36 -24.58
C GLN B 96 -6.66 1.79 -25.62
N ARG B 97 -6.37 0.89 -26.60
CA ARG B 97 -5.40 1.11 -27.68
C ARG B 97 -5.81 2.29 -28.58
N GLY B 98 -4.87 3.18 -28.84
CA GLY B 98 -5.06 4.37 -29.66
C GLY B 98 -5.46 5.60 -28.87
N LEU B 99 -5.89 5.41 -27.61
CA LEU B 99 -6.31 6.48 -26.70
C LEU B 99 -5.18 6.95 -25.77
N PHE B 100 -4.01 6.28 -25.83
CA PHE B 100 -2.85 6.59 -25.00
C PHE B 100 -1.89 7.60 -25.64
N ALA B 101 -1.26 8.42 -24.79
CA ALA B 101 -0.25 9.40 -25.16
C ALA B 101 1.11 8.86 -24.67
N ALA B 102 2.22 9.32 -25.30
CA ALA B 102 3.59 8.90 -24.95
C ALA B 102 3.96 9.16 -23.49
N GLU B 103 3.42 10.25 -22.89
CA GLU B 103 3.63 10.66 -21.51
C GLU B 103 2.96 9.68 -20.54
N THR B 104 1.76 9.19 -20.89
CA THR B 104 0.96 8.23 -20.11
C THR B 104 1.66 6.86 -20.08
N LEU B 105 2.19 6.42 -21.23
CA LEU B 105 2.90 5.14 -21.38
C LEU B 105 4.20 5.11 -20.60
N LEU B 106 4.96 6.23 -20.59
CA LEU B 106 6.21 6.37 -19.85
C LEU B 106 5.96 6.37 -18.33
N GLY B 107 4.85 6.98 -17.92
CA GLY B 107 4.41 7.05 -16.52
C GLY B 107 4.11 5.67 -15.96
N MET B 108 3.54 4.78 -16.81
CA MET B 108 3.22 3.40 -16.48
C MET B 108 4.51 2.61 -16.23
N CYS B 109 5.55 2.86 -17.05
CA CYS B 109 6.87 2.23 -16.95
C CYS B 109 7.60 2.72 -15.70
N LEU B 110 7.42 4.01 -15.33
CA LEU B 110 8.01 4.62 -14.14
C LEU B 110 7.42 4.01 -12.87
N ASP B 111 6.10 3.72 -12.89
CA ASP B 111 5.37 3.09 -11.78
C ASP B 111 5.91 1.69 -11.51
N VAL B 112 6.11 0.89 -12.58
CA VAL B 112 6.66 -0.48 -12.51
C VAL B 112 8.10 -0.42 -11.98
N CYS B 113 8.91 0.53 -12.50
CA CYS B 113 10.31 0.75 -12.11
C CYS B 113 10.46 1.15 -10.64
N GLU B 114 9.47 1.89 -10.09
CA GLU B 114 9.43 2.33 -8.69
C GLU B 114 9.34 1.15 -7.73
N GLY B 115 8.39 0.25 -8.00
CA GLY B 115 8.17 -0.96 -7.22
C GLY B 115 9.30 -1.96 -7.35
N MET B 116 9.89 -2.05 -8.57
CA MET B 116 11.01 -2.94 -8.87
C MET B 116 12.30 -2.47 -8.20
N ALA B 117 12.47 -1.14 -8.00
CA ALA B 117 13.63 -0.54 -7.32
C ALA B 117 13.61 -0.89 -5.83
N TYR B 118 12.39 -0.97 -5.23
CA TYR B 118 12.17 -1.34 -3.84
C TYR B 118 12.53 -2.82 -3.62
N LEU B 119 12.08 -3.70 -4.54
CA LEU B 119 12.33 -5.15 -4.50
C LEU B 119 13.82 -5.45 -4.71
N GLU B 120 14.50 -4.67 -5.57
CA GLU B 120 15.93 -4.78 -5.86
C GLU B 120 16.75 -4.46 -4.60
N GLU B 121 16.34 -3.41 -3.85
CA GLU B 121 16.97 -2.97 -2.62
C GLU B 121 16.72 -3.97 -1.48
N ALA B 122 15.54 -4.63 -1.47
CA ALA B 122 15.14 -5.62 -0.48
C ALA B 122 15.61 -7.04 -0.86
N CYS B 123 16.36 -7.16 -1.98
CA CYS B 123 16.93 -8.40 -2.54
C CYS B 123 15.87 -9.46 -2.92
N VAL B 124 14.68 -9.01 -3.35
CA VAL B 124 13.57 -9.85 -3.78
C VAL B 124 13.59 -9.91 -5.31
N ILE B 125 13.66 -11.13 -5.88
CA ILE B 125 13.71 -11.35 -7.33
C ILE B 125 12.33 -11.75 -7.87
N HIS B 126 11.82 -10.97 -8.83
CA HIS B 126 10.55 -11.22 -9.52
C HIS B 126 10.90 -12.07 -10.74
N ARG B 127 10.71 -13.40 -10.60
CA ARG B 127 11.04 -14.37 -11.64
C ARG B 127 10.12 -14.38 -12.88
N ASP B 128 9.00 -13.64 -12.83
CA ASP B 128 8.04 -13.59 -13.93
C ASP B 128 7.46 -12.18 -14.15
N LEU B 129 8.34 -11.20 -14.42
CA LEU B 129 7.94 -9.82 -14.66
C LEU B 129 7.45 -9.59 -16.08
N ALA B 130 6.14 -9.32 -16.22
CA ALA B 130 5.44 -9.08 -17.48
C ALA B 130 4.24 -8.16 -17.24
N ALA B 131 3.64 -7.61 -18.32
CA ALA B 131 2.47 -6.72 -18.26
C ALA B 131 1.25 -7.43 -17.64
N ARG B 132 1.14 -8.76 -17.85
CA ARG B 132 0.08 -9.61 -17.29
C ARG B 132 0.17 -9.72 -15.76
N ASN B 133 1.39 -9.55 -15.21
CA ASN B 133 1.67 -9.61 -13.77
C ASN B 133 1.71 -8.22 -13.10
N CYS B 134 1.19 -7.20 -13.81
CA CYS B 134 1.09 -5.82 -13.34
C CYS B 134 -0.38 -5.40 -13.39
N LEU B 135 -0.86 -4.68 -12.36
CA LEU B 135 -2.27 -4.27 -12.28
C LEU B 135 -2.49 -2.77 -12.36
N VAL B 136 -3.66 -2.36 -12.88
CA VAL B 136 -4.07 -0.96 -13.05
C VAL B 136 -5.16 -0.60 -12.04
N GLY B 137 -4.93 0.45 -11.27
CA GLY B 137 -5.89 0.95 -10.28
C GLY B 137 -6.54 2.24 -10.71
N GLU B 138 -6.94 3.08 -9.75
CA GLU B 138 -7.57 4.37 -10.01
C GLU B 138 -6.52 5.41 -10.43
N ASN B 139 -6.89 6.30 -11.37
CA ASN B 139 -6.05 7.36 -11.94
C ASN B 139 -4.81 6.80 -12.68
N GLN B 140 -4.98 5.63 -13.35
CA GLN B 140 -3.98 4.91 -14.13
C GLN B 140 -2.69 4.50 -13.36
N VAL B 141 -2.83 4.26 -12.04
CA VAL B 141 -1.71 3.86 -11.17
C VAL B 141 -1.42 2.37 -11.40
N ILE B 142 -0.15 2.05 -11.70
CA ILE B 142 0.29 0.68 -11.97
C ILE B 142 1.00 0.08 -10.75
N LYS B 143 0.59 -1.13 -10.36
CA LYS B 143 1.18 -1.87 -9.25
C LYS B 143 1.68 -3.24 -9.72
N VAL B 144 2.90 -3.61 -9.29
CA VAL B 144 3.52 -4.90 -9.63
C VAL B 144 2.92 -5.99 -8.73
N SER B 145 2.55 -7.14 -9.32
CA SER B 145 1.95 -8.27 -8.61
C SER B 145 2.73 -9.57 -8.83
N ASP B 146 2.50 -10.56 -7.92
CA ASP B 146 3.13 -11.89 -7.90
C ASP B 146 4.65 -11.85 -7.80
N PHE B 147 5.16 -11.21 -6.72
CA PHE B 147 6.59 -11.03 -6.46
C PHE B 147 7.11 -11.93 -5.34
N PRO B 167 7.11 -18.24 -20.77
CA PRO B 167 7.75 -17.07 -20.16
C PRO B 167 9.15 -16.80 -20.73
N VAL B 168 9.53 -17.52 -21.80
CA VAL B 168 10.82 -17.40 -22.48
C VAL B 168 10.98 -16.05 -23.22
N LYS B 169 9.84 -15.43 -23.61
CA LYS B 169 9.76 -14.15 -24.30
C LYS B 169 10.19 -12.98 -23.39
N TRP B 170 10.09 -13.16 -22.06
CA TRP B 170 10.46 -12.18 -21.03
C TRP B 170 11.77 -12.57 -20.32
N ALA B 171 12.26 -13.81 -20.57
CA ALA B 171 13.46 -14.38 -19.97
C ALA B 171 14.76 -13.90 -20.62
N SER B 172 15.78 -13.67 -19.78
CA SER B 172 17.12 -13.23 -20.19
C SER B 172 17.99 -14.45 -20.56
N PRO B 173 19.10 -14.29 -21.34
CA PRO B 173 19.92 -15.47 -21.70
C PRO B 173 20.40 -16.38 -20.57
N GLU B 174 20.69 -15.80 -19.38
CA GLU B 174 21.13 -16.54 -18.19
C GLU B 174 20.00 -17.40 -17.63
N VAL B 175 18.74 -16.96 -17.84
CA VAL B 175 17.53 -17.64 -17.36
C VAL B 175 17.12 -18.80 -18.28
N PHE B 176 16.96 -18.55 -19.60
CA PHE B 176 16.56 -19.61 -20.53
C PHE B 176 17.62 -20.67 -20.86
N SER B 177 18.89 -20.41 -20.50
CA SER B 177 19.99 -21.34 -20.76
C SER B 177 20.61 -21.96 -19.50
N PHE B 178 20.76 -21.17 -18.41
CA PHE B 178 21.40 -21.63 -17.17
C PHE B 178 20.57 -21.44 -15.89
N SER B 179 19.36 -20.85 -16.01
CA SER B 179 18.42 -20.55 -14.92
C SER B 179 19.03 -19.68 -13.80
N ARG B 180 19.93 -18.76 -14.18
CA ARG B 180 20.60 -17.84 -13.25
C ARG B 180 19.75 -16.59 -13.03
N TYR B 181 19.00 -16.57 -11.91
CA TYR B 181 18.12 -15.47 -11.53
C TYR B 181 18.80 -14.43 -10.66
N SER B 182 18.53 -13.14 -10.95
CA SER B 182 19.06 -11.98 -10.24
C SER B 182 18.16 -10.76 -10.50
N SER B 183 18.52 -9.58 -9.94
CA SER B 183 17.77 -8.35 -10.16
C SER B 183 17.99 -7.84 -11.59
N LYS B 184 19.15 -8.18 -12.19
CA LYS B 184 19.53 -7.81 -13.56
C LYS B 184 18.77 -8.63 -14.61
N SER B 185 18.27 -9.83 -14.25
CA SER B 185 17.47 -10.67 -15.14
C SER B 185 16.04 -10.10 -15.23
N ASP B 186 15.59 -9.41 -14.15
CA ASP B 186 14.30 -8.74 -14.05
C ASP B 186 14.32 -7.46 -14.88
N VAL B 187 15.52 -6.85 -15.03
CA VAL B 187 15.78 -5.65 -15.82
C VAL B 187 15.48 -5.95 -17.29
N TRP B 188 15.89 -7.15 -17.77
CA TRP B 188 15.64 -7.64 -19.13
C TRP B 188 14.13 -7.79 -19.32
N SER B 189 13.44 -8.40 -18.33
CA SER B 189 11.98 -8.60 -18.30
C SER B 189 11.25 -7.26 -18.33
N PHE B 190 11.82 -6.24 -17.65
CA PHE B 190 11.29 -4.87 -17.60
C PHE B 190 11.41 -4.21 -18.98
N GLY B 191 12.46 -4.55 -19.72
CA GLY B 191 12.69 -4.07 -21.09
C GLY B 191 11.60 -4.57 -22.02
N VAL B 192 11.20 -5.84 -21.86
CA VAL B 192 10.13 -6.50 -22.62
C VAL B 192 8.78 -5.91 -22.17
N LEU B 193 8.65 -5.60 -20.85
CA LEU B 193 7.46 -4.97 -20.26
C LEU B 193 7.30 -3.56 -20.85
N MET B 194 8.41 -2.82 -21.01
CA MET B 194 8.46 -1.48 -21.61
C MET B 194 7.98 -1.53 -23.05
N TRP B 195 8.35 -2.59 -23.79
CA TRP B 195 7.96 -2.83 -25.17
C TRP B 195 6.44 -3.06 -25.24
N GLU B 196 5.89 -3.89 -24.33
CA GLU B 196 4.46 -4.21 -24.22
C GLU B 196 3.62 -2.96 -24.00
N VAL B 197 4.13 -2.00 -23.20
CA VAL B 197 3.44 -0.74 -22.88
C VAL B 197 3.39 0.19 -24.10
N PHE B 198 4.55 0.52 -24.68
CA PHE B 198 4.67 1.42 -25.84
C PHE B 198 4.03 0.88 -27.14
N SER B 199 3.87 -0.45 -27.26
CA SER B 199 3.22 -1.09 -28.40
C SER B 199 1.71 -1.26 -28.16
N GLU B 200 1.24 -0.83 -26.96
CA GLU B 200 -0.15 -0.85 -26.50
C GLU B 200 -0.76 -2.25 -26.35
N GLY B 201 -0.06 -3.10 -25.59
CA GLY B 201 -0.48 -4.46 -25.28
C GLY B 201 -0.26 -5.50 -26.34
N LYS B 202 0.79 -5.33 -27.18
CA LYS B 202 1.12 -6.29 -28.24
C LYS B 202 1.91 -7.46 -27.64
N ILE B 203 1.75 -8.66 -28.24
CA ILE B 203 2.45 -9.87 -27.80
C ILE B 203 3.91 -9.84 -28.28
N PRO B 204 4.91 -9.92 -27.35
CA PRO B 204 6.31 -9.94 -27.79
C PRO B 204 6.64 -11.29 -28.44
N TYR B 205 7.30 -11.26 -29.63
CA TYR B 205 7.66 -12.42 -30.44
C TYR B 205 6.40 -13.28 -30.71
N GLU B 206 5.37 -12.68 -31.33
CA GLU B 206 4.09 -13.32 -31.63
C GLU B 206 4.24 -14.47 -32.63
N ASN B 207 3.64 -15.63 -32.30
CA ASN B 207 3.63 -16.87 -33.09
C ASN B 207 5.02 -17.51 -33.33
N ARG B 208 5.98 -17.25 -32.41
CA ARG B 208 7.32 -17.82 -32.45
C ARG B 208 7.44 -18.85 -31.32
N SER B 209 7.98 -20.03 -31.62
CA SER B 209 8.17 -21.09 -30.63
C SER B 209 9.34 -20.74 -29.70
N ASN B 210 9.41 -21.42 -28.53
CA ASN B 210 10.46 -21.23 -27.52
C ASN B 210 11.87 -21.36 -28.12
N SER B 211 12.07 -22.31 -29.06
CA SER B 211 13.33 -22.55 -29.75
C SER B 211 13.69 -21.40 -30.71
N GLU B 212 12.67 -20.77 -31.33
CA GLU B 212 12.83 -19.66 -32.28
C GLU B 212 13.34 -18.38 -31.62
N VAL B 213 12.82 -18.05 -30.42
CA VAL B 213 13.19 -16.85 -29.67
C VAL B 213 14.63 -16.92 -29.11
N VAL B 214 15.05 -18.13 -28.68
CA VAL B 214 16.39 -18.43 -28.14
C VAL B 214 17.45 -18.19 -29.23
N GLU B 215 17.17 -18.67 -30.46
CA GLU B 215 18.04 -18.51 -31.62
C GLU B 215 18.16 -17.05 -32.06
N ASP B 216 17.05 -16.29 -31.99
CA ASP B 216 16.99 -14.88 -32.36
C ASP B 216 17.79 -13.98 -31.42
N ILE B 217 17.60 -14.15 -30.09
CA ILE B 217 18.28 -13.39 -29.03
C ILE B 217 19.80 -13.63 -29.04
N SER B 218 20.22 -14.92 -29.20
CA SER B 218 21.63 -15.33 -29.24
C SER B 218 22.40 -14.73 -30.42
N THR B 219 21.75 -14.60 -31.60
CA THR B 219 22.35 -14.02 -32.81
C THR B 219 22.56 -12.51 -32.71
N GLY B 220 21.62 -11.82 -32.06
CA GLY B 220 21.68 -10.37 -31.86
C GLY B 220 20.36 -9.65 -32.10
N PHE B 221 19.32 -10.37 -32.56
CA PHE B 221 18.00 -9.82 -32.84
C PHE B 221 17.25 -9.45 -31.57
N ARG B 222 16.64 -8.25 -31.56
CA ARG B 222 15.85 -7.72 -30.45
C ARG B 222 14.49 -7.23 -30.98
N LEU B 223 13.52 -6.97 -30.07
CA LEU B 223 12.19 -6.49 -30.42
C LEU B 223 12.24 -5.11 -31.09
N TYR B 224 11.42 -4.91 -32.15
CA TYR B 224 11.36 -3.67 -32.92
C TYR B 224 10.92 -2.45 -32.11
N LYS B 225 11.30 -1.24 -32.57
CA LYS B 225 10.95 0.02 -31.94
C LYS B 225 9.46 0.34 -32.19
N PRO B 226 8.62 0.40 -31.12
CA PRO B 226 7.20 0.74 -31.34
C PRO B 226 7.02 2.19 -31.78
N ARG B 227 5.95 2.48 -32.53
CA ARG B 227 5.61 3.81 -33.07
C ARG B 227 5.56 4.92 -32.03
N LEU B 228 4.98 4.64 -30.85
CA LEU B 228 4.85 5.59 -29.74
C LEU B 228 6.15 5.81 -28.96
N ALA B 229 7.09 4.84 -29.02
CA ALA B 229 8.37 4.92 -28.32
C ALA B 229 9.40 5.75 -29.08
N SER B 230 10.03 6.72 -28.40
CA SER B 230 11.05 7.59 -28.98
C SER B 230 12.43 6.90 -28.99
N THR B 231 13.42 7.54 -29.64
CA THR B 231 14.81 7.05 -29.76
C THR B 231 15.45 6.84 -28.38
N HIS B 232 15.23 7.78 -27.44
CA HIS B 232 15.75 7.75 -26.08
C HIS B 232 15.11 6.62 -25.25
N VAL B 233 13.79 6.36 -25.44
CA VAL B 233 13.04 5.30 -24.76
C VAL B 233 13.54 3.93 -25.24
N TYR B 234 13.70 3.76 -26.57
CA TYR B 234 14.20 2.52 -27.19
C TYR B 234 15.67 2.26 -26.83
N GLN B 235 16.44 3.33 -26.56
CA GLN B 235 17.85 3.26 -26.13
C GLN B 235 17.93 2.60 -24.76
N ILE B 236 16.99 2.95 -23.84
CA ILE B 236 16.87 2.39 -22.49
C ILE B 236 16.44 0.91 -22.56
N MET B 237 15.52 0.59 -23.50
CA MET B 237 15.02 -0.76 -23.74
C MET B 237 16.18 -1.69 -24.14
N ASN B 238 17.07 -1.22 -25.05
CA ASN B 238 18.24 -1.96 -25.50
C ASN B 238 19.32 -2.08 -24.42
N HIS B 239 19.37 -1.11 -23.47
CA HIS B 239 20.29 -1.11 -22.33
C HIS B 239 19.88 -2.24 -21.37
N CYS B 240 18.56 -2.50 -21.28
CA CYS B 240 17.97 -3.58 -20.49
C CYS B 240 18.21 -4.92 -21.20
N TRP B 241 18.28 -4.87 -22.55
CA TRP B 241 18.47 -6.04 -23.42
C TRP B 241 19.94 -6.37 -23.75
N LYS B 242 20.88 -5.99 -22.87
CA LYS B 242 22.30 -6.29 -23.06
C LYS B 242 22.55 -7.76 -22.68
N GLU B 243 23.40 -8.47 -23.46
CA GLU B 243 23.72 -9.88 -23.26
C GLU B 243 24.27 -10.21 -21.87
N ARG B 244 25.17 -9.36 -21.35
CA ARG B 244 25.79 -9.53 -20.04
C ARG B 244 24.94 -8.85 -18.94
N PRO B 245 24.74 -9.51 -17.76
CA PRO B 245 23.92 -8.87 -16.71
C PRO B 245 24.55 -7.63 -16.09
N GLU B 246 25.89 -7.59 -15.98
CA GLU B 246 26.65 -6.47 -15.40
C GLU B 246 26.56 -5.19 -16.26
N ASP B 247 26.37 -5.34 -17.58
CA ASP B 247 26.24 -4.22 -18.53
C ASP B 247 24.86 -3.56 -18.44
N ARG B 248 23.84 -4.29 -17.94
CA ARG B 248 22.47 -3.79 -17.77
C ARG B 248 22.40 -2.82 -16.60
N PRO B 249 21.62 -1.72 -16.68
CA PRO B 249 21.54 -0.80 -15.53
C PRO B 249 20.59 -1.30 -14.45
N ALA B 250 20.89 -0.98 -13.18
CA ALA B 250 20.05 -1.36 -12.03
C ALA B 250 18.74 -0.57 -12.04
N PHE B 251 17.68 -1.08 -11.37
CA PHE B 251 16.37 -0.43 -11.29
C PHE B 251 16.43 0.96 -10.66
N SER B 252 17.35 1.18 -9.70
CA SER B 252 17.57 2.46 -9.04
C SER B 252 18.11 3.49 -10.04
N ARG B 253 18.99 3.06 -10.96
CA ARG B 253 19.57 3.90 -12.01
C ARG B 253 18.56 4.12 -13.15
N LEU B 254 17.79 3.06 -13.51
CA LEU B 254 16.77 3.09 -14.55
C LEU B 254 15.64 4.07 -14.24
N LEU B 255 15.27 4.19 -12.95
CA LEU B 255 14.21 5.08 -12.45
C LEU B 255 14.53 6.54 -12.75
N ARG B 256 15.75 7.00 -12.44
CA ARG B 256 16.20 8.36 -12.69
C ARG B 256 16.45 8.61 -14.18
N GLN B 257 16.86 7.56 -14.93
CA GLN B 257 17.10 7.60 -16.37
C GLN B 257 15.79 7.85 -17.13
N LEU B 258 14.69 7.17 -16.71
CA LEU B 258 13.36 7.32 -17.31
C LEU B 258 12.72 8.65 -16.92
N ALA B 259 13.04 9.16 -15.70
CA ALA B 259 12.54 10.43 -15.17
C ALA B 259 13.11 11.63 -15.94
N GLU B 260 14.37 11.52 -16.43
CA GLU B 260 15.07 12.55 -17.20
C GLU B 260 14.42 12.75 -18.58
N ILE B 261 13.90 11.66 -19.18
CA ILE B 261 13.22 11.66 -20.48
C ILE B 261 11.86 12.35 -20.38
N ALA B 262 11.11 12.11 -19.28
CA ALA B 262 9.81 12.71 -19.01
C ALA B 262 9.88 14.24 -18.89
N GLU B 263 10.97 14.76 -18.30
CA GLU B 263 11.21 16.19 -18.11
C GLU B 263 11.57 16.85 -19.46
N SER B 264 12.37 16.15 -20.29
CA SER B 264 12.81 16.62 -21.60
C SER B 264 11.78 16.25 -22.71
N GLY B 265 12.13 16.48 -23.97
CA GLY B 265 11.29 16.18 -25.11
C GLY B 265 11.86 15.10 -26.02
N LEU B 266 12.23 13.95 -25.42
CA LEU B 266 12.80 12.81 -26.14
C LEU B 266 12.43 11.49 -25.47
CAN 0F2 C . -1.96 18.64 10.54
CAO 0F2 C . -1.56 17.64 11.63
OAP 0F2 C . -0.49 16.79 11.17
CAQ 0F2 C . -0.86 16.06 9.97
CAR 0F2 C . -1.22 17.06 8.86
NAM 0F2 C . -2.33 17.92 9.32
CAL 0F2 C . -2.68 18.89 8.26
CAK 0F2 C . -3.43 18.19 7.13
OAJ 0F2 C . -2.50 17.94 6.07
CAD 0F2 C . -3.09 17.45 4.93
CAA 0F2 C . -4.06 18.19 4.25
CAB 0F2 C . -4.63 17.72 3.07
CAS 0F2 C . -5.73 18.51 2.35
CBB 0F2 C . -7.05 17.77 2.53
CBD 0F2 C . -8.24 18.53 1.95
CBC 0F2 C . -5.42 18.63 0.86
CBE 0F2 C . -4.16 19.47 0.60
OBF 0F2 C . -5.85 19.83 2.91
CAC 0F2 C . -4.21 16.48 2.56
CAF 0F2 C . -3.23 15.74 3.24
NAG 0F2 C . -2.67 14.56 2.99
CAE 0F2 C . -2.67 16.22 4.42
CAI 0F2 C . -1.78 15.33 4.81
CAH 0F2 C . -1.78 14.30 3.95
CAT 0F2 C . -1.00 13.15 4.01
CAW 0F2 C . -0.17 12.80 5.07
S1 0F2 C . 0.45 13.20 6.58
CAZ 0F2 C . 1.42 11.83 6.74
CAY 0F2 C . 1.26 11.10 5.63
CAX 0F2 C . 0.40 11.59 4.70
NAV 0F2 C . -0.13 11.30 3.50
NAU 0F2 C . -0.91 12.16 3.12
S SO4 D . -30.92 3.72 20.48
O1 SO4 D . -29.66 3.15 20.01
O2 SO4 D . -31.20 3.26 21.85
O3 SO4 D . -30.84 5.18 20.47
O4 SO4 D . -32.01 3.28 19.60
CAN 0F2 E . -6.07 -12.36 -16.45
CAO 0F2 E . -4.63 -12.65 -16.00
OAP 0F2 E . -4.62 -13.46 -14.82
CAQ 0F2 E . -5.34 -12.84 -13.73
CAR 0F2 E . -6.79 -12.55 -14.16
NAM 0F2 E . -6.80 -11.69 -15.35
CAL 0F2 E . -8.19 -11.43 -15.75
CAK 0F2 E . -8.58 -10.00 -15.35
OAJ 0F2 E . -8.62 -9.88 -13.91
CAD 0F2 E . -9.13 -8.69 -13.45
CAA 0F2 E . -10.14 -8.02 -14.15
CAB 0F2 E . -10.65 -6.82 -13.68
CAS 0F2 E . -11.74 -6.07 -14.45
CBB 0F2 E . -11.37 -4.57 -14.52
CBD 0F2 E . -11.65 -3.93 -15.88
CBC 0F2 E . -13.06 -6.28 -13.68
CBE 0F2 E . -14.10 -5.22 -14.00
OBF 0F2 E . -11.87 -6.64 -15.76
CAC 0F2 E . -10.21 -6.31 -12.45
CAF 0F2 E . -9.22 -6.99 -11.74
NAG 0F2 E . -8.61 -6.73 -10.59
CAE 0F2 E . -8.68 -8.17 -12.24
CAI 0F2 E . -7.79 -8.58 -11.35
CAH 0F2 E . -7.73 -7.69 -10.35
CAT 0F2 E . -6.92 -7.76 -9.22
CAW 0F2 E . -5.97 -8.74 -8.98
S1 0F2 E . -5.23 -10.14 -9.53
CAZ 0F2 E . -4.20 -10.32 -8.19
CAY 0F2 E . -4.45 -9.30 -7.36
CAX 0F2 E . -5.42 -8.43 -7.75
NAV 0F2 E . -6.02 -7.30 -7.37
NAU 0F2 E . -6.89 -6.93 -8.18
S SO4 F . -3.18 -7.71 -31.02
O1 SO4 F . -2.04 -8.63 -31.14
O2 SO4 F . -3.18 -7.11 -29.68
O3 SO4 F . -3.06 -6.66 -32.04
O4 SO4 F . -4.43 -8.45 -31.22
#